data_4X6O
#
_entry.id   4X6O
#
_cell.length_a   78.700
_cell.length_b   78.700
_cell.length_c   106.300
_cell.angle_alpha   90.000
_cell.angle_beta   90.000
_cell.angle_gamma   120.000
#
_symmetry.space_group_name_H-M   'P 32 2 1'
#
loop_
_entity.id
_entity.type
_entity.pdbx_description
1 polymer 'Coagulation factor XI, light chain'
2 non-polymer 'methyl (4-{4-chloro-2-[(1S)-1-({3-[5-chloro-2-(1H-tetrazol-1-yl)phenyl]propanoyl}amino)-2-phenylethyl]-1H-imidazol-5-yl}phenyl)carbamate'
3 non-polymer 'SULFATE ION'
4 non-polymer 1,2-ETHANEDIOL
5 water water
#
_entity_poly.entity_id   1
_entity_poly.type   'polypeptide(L)'
_entity_poly.pdbx_seq_one_letter_code
;IVGGTASVRGEWPWQVTLHTTSPTQRHLCGGSIIGNQWILTAAHCFYGVESPKILRVYSGILNQSEIKEDTSFFGVQEII
IHDQYKMAESGYDIALLKLETTVGYGDSQRPICLPSKGDRNVIYTDCWVTGWGYRKLRDKIQNTLQKAKIPLVTNEECQK
RYRGHKITHKMICAGYREGGKDACKGDSGGPLSCKHNEVWHLVGITSWGEGCAQRERPGVYTNVVEYVDWILEKTQAVHH
HHHH
;
_entity_poly.pdbx_strand_id   A
#
loop_
_chem_comp.id
_chem_comp.type
_chem_comp.name
_chem_comp.formula
3Y4 non-polymer 'methyl (4-{4-chloro-2-[(1S)-1-({3-[5-chloro-2-(1H-tetrazol-1-yl)phenyl]propanoyl}amino)-2-phenylethyl]-1H-imidazol-5-yl}phenyl)carbamate' 'C29 H26 Cl2 N8 O3'
EDO non-polymer 1,2-ETHANEDIOL 'C2 H6 O2'
SO4 non-polymer 'SULFATE ION' 'O4 S -2'
#
# COMPACT_ATOMS: atom_id res chain seq x y z
N ILE A 1 -8.04 -8.16 2.14
CA ILE A 1 -7.20 -9.25 1.62
C ILE A 1 -8.07 -10.49 1.47
N VAL A 2 -8.05 -11.09 0.27
CA VAL A 2 -8.77 -12.35 -0.04
C VAL A 2 -7.79 -13.51 0.20
N GLY A 3 -8.25 -14.56 0.88
CA GLY A 3 -7.47 -15.77 1.10
C GLY A 3 -6.24 -15.57 1.96
N GLY A 4 -6.27 -14.57 2.83
CA GLY A 4 -5.15 -14.31 3.71
C GLY A 4 -5.37 -14.89 5.10
N THR A 5 -4.42 -14.62 6.00
CA THR A 5 -4.53 -15.05 7.39
C THR A 5 -4.14 -13.87 8.29
N ALA A 6 -4.52 -13.94 9.56
CA ALA A 6 -4.24 -12.94 10.56
C ALA A 6 -2.72 -12.73 10.65
N SER A 7 -2.29 -11.46 10.71
CA SER A 7 -0.89 -11.16 10.95
C SER A 7 -0.64 -11.31 12.46
N VAL A 8 0.62 -11.38 12.83
CA VAL A 8 1.08 -11.43 14.22
C VAL A 8 1.47 -9.96 14.54
N ARG A 9 1.21 -9.48 15.78
CA ARG A 9 1.58 -8.13 16.14
C ARG A 9 3.10 -7.94 15.92
N GLY A 10 3.46 -6.82 15.29
CA GLY A 10 4.84 -6.45 14.96
C GLY A 10 5.42 -7.04 13.70
N GLU A 11 4.64 -7.89 13.00
CA GLU A 11 5.07 -8.54 11.75
C GLU A 11 5.32 -7.56 10.59
N TRP A 12 4.44 -6.54 10.43
CA TRP A 12 4.57 -5.57 9.32
C TRP A 12 4.63 -4.18 9.95
N PRO A 13 5.73 -3.83 10.67
CA PRO A 13 5.74 -2.59 11.45
C PRO A 13 5.71 -1.28 10.65
N TRP A 14 5.90 -1.36 9.33
CA TRP A 14 5.79 -0.19 8.44
C TRP A 14 4.34 0.03 8.01
N GLN A 15 3.46 -0.98 8.19
CA GLN A 15 2.04 -0.86 7.80
C GLN A 15 1.29 0.13 8.69
N VAL A 16 0.59 1.09 8.05
CA VAL A 16 -0.25 2.03 8.77
C VAL A 16 -1.67 1.91 8.28
N THR A 17 -2.62 2.39 9.08
CA THR A 17 -4.02 2.57 8.70
C THR A 17 -4.25 4.08 8.65
N LEU A 18 -4.65 4.56 7.47
CA LEU A 18 -4.98 5.95 7.26
C LEU A 18 -6.48 6.09 7.43
N HIS A 19 -6.88 6.92 8.38
CA HIS A 19 -8.29 7.17 8.65
C HIS A 19 -8.68 8.54 8.17
N THR A 20 -9.95 8.69 7.86
CA THR A 20 -10.55 9.95 7.50
C THR A 20 -11.49 10.22 8.65
N THR A 21 -11.69 11.49 8.96
CA THR A 21 -12.56 12.03 10.00
C THR A 21 -13.90 12.49 9.42
N SER A 22 -13.98 12.78 8.10
CA SER A 22 -15.14 13.30 7.37
C SER A 22 -15.93 12.28 6.54
N PRO A 23 -17.27 12.14 6.74
CA PRO A 23 -18.13 12.82 7.73
C PRO A 23 -17.98 12.24 9.14
N THR A 24 -17.61 10.94 9.24
CA THR A 24 -17.36 10.19 10.48
C THR A 24 -16.02 9.47 10.37
N GLN A 25 -15.40 9.15 11.50
CA GLN A 25 -14.11 8.48 11.49
C GLN A 25 -14.17 7.03 11.06
N ARG A 26 -13.36 6.69 10.03
CA ARG A 26 -13.26 5.34 9.50
C ARG A 26 -11.93 5.15 8.83
N HIS A 27 -11.52 3.89 8.69
CA HIS A 27 -10.34 3.50 7.93
C HIS A 27 -10.61 3.91 6.45
N LEU A 28 -9.60 4.51 5.80
CA LEU A 28 -9.66 4.93 4.40
C LEU A 28 -8.76 4.08 3.50
N CYS A 29 -7.48 3.96 3.87
CA CYS A 29 -6.48 3.30 3.06
C CYS A 29 -5.35 2.76 3.91
N GLY A 30 -4.53 1.92 3.30
CA GLY A 30 -3.27 1.49 3.91
C GLY A 30 -2.18 2.48 3.50
N GLY A 31 -1.02 2.31 4.09
CA GLY A 31 0.17 3.10 3.82
C GLY A 31 1.36 2.43 4.45
N SER A 32 2.56 2.91 4.10
CA SER A 32 3.82 2.39 4.64
C SER A 32 4.68 3.51 5.18
N ILE A 33 5.29 3.30 6.34
CA ILE A 33 6.26 4.26 6.90
C ILE A 33 7.54 4.09 6.07
N ILE A 34 8.06 5.19 5.47
CA ILE A 34 9.32 5.12 4.70
C ILE A 34 10.43 6.05 5.28
N GLY A 35 10.04 6.90 6.21
CA GLY A 35 10.90 7.88 6.86
C GLY A 35 10.19 8.34 8.12
N ASN A 36 10.89 9.09 8.99
CA ASN A 36 10.28 9.48 10.27
C ASN A 36 9.18 10.49 10.20
N GLN A 37 8.93 11.06 9.04
CA GLN A 37 7.77 11.95 8.92
C GLN A 37 7.06 11.68 7.60
N TRP A 38 7.27 10.47 7.03
CA TRP A 38 6.77 10.15 5.70
C TRP A 38 6.05 8.83 5.58
N ILE A 39 4.85 8.89 4.99
CA ILE A 39 4.03 7.73 4.68
C ILE A 39 3.91 7.66 3.16
N LEU A 40 4.19 6.48 2.59
CA LEU A 40 4.00 6.28 1.16
C LEU A 40 2.70 5.52 0.96
N THR A 41 1.83 6.02 0.05
CA THR A 41 0.50 5.47 -0.17
C THR A 41 0.07 5.71 -1.62
N ALA A 42 -1.21 5.43 -1.94
CA ALA A 42 -1.74 5.58 -3.29
C ALA A 42 -2.41 6.94 -3.47
N ALA A 43 -2.18 7.57 -4.61
CA ALA A 43 -2.82 8.84 -4.95
C ALA A 43 -4.34 8.72 -5.00
N HIS A 44 -4.89 7.60 -5.50
CA HIS A 44 -6.37 7.47 -5.64
C HIS A 44 -7.14 7.54 -4.30
N CYS A 45 -6.45 7.28 -3.18
CA CYS A 45 -7.05 7.34 -1.83
C CYS A 45 -7.60 8.70 -1.50
N PHE A 46 -7.05 9.76 -2.15
CA PHE A 46 -7.41 11.16 -1.86
C PHE A 46 -8.49 11.74 -2.75
N TYR A 47 -9.16 10.90 -3.55
CA TYR A 47 -10.26 11.38 -4.39
C TYR A 47 -11.30 12.08 -3.47
N GLY A 48 -11.60 13.33 -3.77
CA GLY A 48 -12.54 14.10 -2.94
C GLY A 48 -12.02 14.60 -1.59
N VAL A 49 -10.80 14.19 -1.15
CA VAL A 49 -10.18 14.66 0.11
C VAL A 49 -9.70 16.09 -0.18
N GLU A 50 -10.36 17.08 0.40
CA GLU A 50 -10.04 18.50 0.13
C GLU A 50 -9.01 19.09 1.06
N SER A 51 -8.73 18.42 2.18
CA SER A 51 -7.80 18.95 3.16
C SER A 51 -7.05 17.83 3.91
N PRO A 52 -5.78 18.05 4.30
CA PRO A 52 -5.09 17.01 5.12
C PRO A 52 -5.57 17.02 6.57
N LYS A 53 -6.37 18.05 6.95
CA LYS A 53 -6.92 18.24 8.29
C LYS A 53 -7.86 17.14 8.71
N ILE A 54 -8.50 16.46 7.76
CA ILE A 54 -9.43 15.36 8.04
C ILE A 54 -8.72 13.99 8.18
N LEU A 55 -7.39 13.94 8.00
CA LEU A 55 -6.66 12.67 8.01
C LEU A 55 -5.97 12.36 9.34
N ARG A 56 -5.93 11.07 9.71
CA ARG A 56 -5.24 10.58 10.90
C ARG A 56 -4.50 9.31 10.50
N VAL A 57 -3.20 9.28 10.80
CA VAL A 57 -2.36 8.12 10.52
C VAL A 57 -2.15 7.37 11.82
N TYR A 58 -2.47 6.08 11.83
CA TYR A 58 -2.23 5.24 13.00
C TYR A 58 -1.20 4.20 12.65
N SER A 59 -0.13 4.16 13.43
CA SER A 59 0.97 3.21 13.28
C SER A 59 0.90 2.27 14.50
N GLY A 60 1.60 1.15 14.43
CA GLY A 60 1.68 0.18 15.53
C GLY A 60 0.34 -0.46 15.82
N ILE A 61 -0.49 -0.62 14.80
CA ILE A 61 -1.82 -1.19 14.97
C ILE A 61 -1.87 -2.60 14.39
N LEU A 62 -2.38 -3.56 15.18
CA LEU A 62 -2.70 -4.87 14.65
C LEU A 62 -4.21 -4.87 14.38
N ASN A 63 -5.01 -4.51 15.40
CA ASN A 63 -6.47 -4.56 15.32
C ASN A 63 -7.08 -3.19 15.25
N GLN A 64 -8.08 -2.99 14.37
CA GLN A 64 -8.76 -1.69 14.26
C GLN A 64 -9.43 -1.31 15.59
N SER A 65 -9.82 -2.30 16.41
CA SER A 65 -10.46 -2.06 17.74
C SER A 65 -9.51 -1.36 18.73
N GLU A 66 -8.18 -1.30 18.42
CA GLU A 66 -7.18 -0.57 19.25
C GLU A 66 -7.41 0.94 19.10
N ILE A 67 -8.12 1.35 18.02
CA ILE A 67 -8.39 2.75 17.71
C ILE A 67 -9.68 3.26 18.34
N LYS A 68 -9.54 4.18 19.31
CA LYS A 68 -10.66 4.85 19.96
C LYS A 68 -10.31 6.34 19.93
N GLU A 69 -11.17 7.21 20.48
CA GLU A 69 -10.89 8.65 20.52
C GLU A 69 -9.62 9.00 21.31
N ASP A 70 -9.24 8.19 22.31
CA ASP A 70 -8.04 8.44 23.14
C ASP A 70 -6.73 7.81 22.55
N THR A 71 -6.81 7.15 21.36
CA THR A 71 -5.67 6.51 20.70
C THR A 71 -4.81 7.56 20.01
N SER A 72 -3.49 7.53 20.23
CA SER A 72 -2.63 8.51 19.57
C SER A 72 -2.49 8.18 18.08
N PHE A 73 -2.35 9.25 17.29
CA PHE A 73 -2.21 9.21 15.85
C PHE A 73 -1.25 10.34 15.42
N PHE A 74 -0.88 10.34 14.15
CA PHE A 74 -0.06 11.37 13.52
C PHE A 74 -0.99 12.17 12.61
N GLY A 75 -0.96 13.48 12.79
CA GLY A 75 -1.70 14.40 11.92
C GLY A 75 -0.92 14.50 10.62
N VAL A 76 -1.56 14.94 9.57
CA VAL A 76 -0.92 15.08 8.25
C VAL A 76 -0.74 16.56 7.95
N GLN A 77 0.51 16.99 7.75
CA GLN A 77 0.85 18.36 7.43
C GLN A 77 0.57 18.62 5.93
N GLU A 78 0.91 17.65 5.09
CA GLU A 78 0.79 17.80 3.66
C GLU A 78 0.52 16.51 2.92
N ILE A 79 -0.31 16.59 1.87
CA ILE A 79 -0.60 15.51 0.92
C ILE A 79 0.16 15.86 -0.37
N ILE A 80 1.11 15.01 -0.79
CA ILE A 80 1.87 15.19 -2.02
C ILE A 80 1.47 14.07 -3.01
N ILE A 81 0.74 14.43 -4.05
CA ILE A 81 0.29 13.49 -5.07
C ILE A 81 1.17 13.69 -6.29
N HIS A 82 1.64 12.59 -6.91
CA HIS A 82 2.44 12.70 -8.13
C HIS A 82 1.69 13.59 -9.14
N ASP A 83 2.33 14.65 -9.65
CA ASP A 83 1.63 15.56 -10.54
C ASP A 83 1.21 15.00 -11.92
N GLN A 84 1.67 13.79 -12.28
CA GLN A 84 1.25 13.15 -13.54
C GLN A 84 0.05 12.23 -13.28
N TYR A 85 -0.36 12.06 -12.02
CA TYR A 85 -1.48 11.17 -11.68
C TYR A 85 -2.81 11.69 -12.20
N LYS A 86 -3.56 10.83 -12.90
CA LYS A 86 -4.91 11.10 -13.35
C LYS A 86 -5.84 10.05 -12.73
N MET A 87 -5.45 8.77 -12.85
CA MET A 87 -6.26 7.68 -12.29
C MET A 87 -5.38 6.47 -12.08
N ALA A 88 -5.79 5.57 -11.16
CA ALA A 88 -5.03 4.34 -10.82
C ALA A 88 -4.70 3.53 -12.05
N GLU A 89 -5.69 3.31 -12.92
CA GLU A 89 -5.49 2.51 -14.15
C GLU A 89 -4.47 3.08 -15.14
N SER A 90 -4.18 4.39 -15.07
CA SER A 90 -3.18 5.01 -15.95
C SER A 90 -1.80 5.17 -15.28
N GLY A 91 -1.66 4.75 -14.02
CA GLY A 91 -0.37 4.84 -13.33
C GLY A 91 -0.16 6.12 -12.55
N TYR A 92 1.10 6.32 -12.09
CA TYR A 92 1.52 7.45 -11.22
C TYR A 92 0.65 7.46 -9.97
N ASP A 93 0.17 6.25 -9.55
CA ASP A 93 -0.70 6.12 -8.38
C ASP A 93 0.14 6.04 -7.13
N ILE A 94 0.69 7.20 -6.76
CA ILE A 94 1.59 7.32 -5.64
C ILE A 94 1.43 8.68 -4.97
N ALA A 95 1.49 8.69 -3.65
CA ALA A 95 1.37 9.90 -2.88
C ALA A 95 2.20 9.75 -1.63
N LEU A 96 2.62 10.88 -1.08
CA LEU A 96 3.34 10.96 0.18
C LEU A 96 2.52 11.77 1.15
N LEU A 97 2.51 11.36 2.42
CA LEU A 97 1.89 12.13 3.49
C LEU A 97 3.04 12.60 4.34
N LYS A 98 3.15 13.93 4.51
CA LYS A 98 4.16 14.50 5.38
C LYS A 98 3.44 14.68 6.70
N LEU A 99 3.99 14.03 7.74
CA LEU A 99 3.37 14.03 9.06
C LEU A 99 3.72 15.29 9.83
N GLU A 100 2.78 15.76 10.66
CA GLU A 100 2.94 16.96 11.51
C GLU A 100 4.01 16.75 12.58
N THR A 101 4.13 15.51 13.10
CA THR A 101 5.17 15.15 14.08
C THR A 101 5.93 13.95 13.56
N THR A 102 7.05 13.64 14.21
CA THR A 102 8.00 12.58 13.91
C THR A 102 7.60 11.22 14.55
N VAL A 103 7.69 10.12 13.77
CA VAL A 103 7.45 8.77 14.27
C VAL A 103 8.70 8.37 15.07
N GLY A 104 8.48 7.90 16.30
CA GLY A 104 9.55 7.36 17.13
C GLY A 104 9.63 5.89 16.79
N TYR A 105 10.76 5.44 16.21
CA TYR A 105 10.93 4.05 15.79
C TYR A 105 11.06 3.11 17.00
N GLY A 106 10.51 1.91 16.85
CA GLY A 106 10.58 0.86 17.86
C GLY A 106 10.10 -0.43 17.25
N ASP A 107 9.94 -1.47 18.09
CA ASP A 107 9.51 -2.79 17.62
C ASP A 107 8.08 -2.85 17.02
N SER A 108 7.25 -1.81 17.29
CA SER A 108 5.87 -1.73 16.75
C SER A 108 5.71 -0.85 15.51
N GLN A 109 6.69 0.02 15.22
CA GLN A 109 6.62 0.97 14.12
C GLN A 109 7.99 1.37 13.68
N ARG A 110 8.31 1.02 12.45
CA ARG A 110 9.61 1.33 11.86
C ARG A 110 9.48 1.37 10.35
N PRO A 111 10.48 1.94 9.61
CA PRO A 111 10.33 2.05 8.15
C PRO A 111 10.70 0.80 7.37
N ILE A 112 10.14 0.70 6.15
CA ILE A 112 10.53 -0.36 5.24
C ILE A 112 11.51 0.32 4.27
N CYS A 113 12.57 -0.41 3.83
CA CYS A 113 13.54 0.08 2.86
C CYS A 113 12.84 0.22 1.50
N LEU A 114 13.19 1.25 0.78
CA LEU A 114 12.72 1.43 -0.57
C LEU A 114 13.60 0.51 -1.42
N PRO A 115 13.18 0.06 -2.63
CA PRO A 115 14.08 -0.76 -3.45
C PRO A 115 15.28 0.07 -3.95
N SER A 116 16.39 -0.59 -4.24
CA SER A 116 17.55 0.10 -4.82
C SER A 116 17.43 0.07 -6.36
N LYS A 117 18.03 1.05 -7.06
CA LYS A 117 18.03 1.15 -8.53
C LYS A 117 18.68 -0.11 -9.18
N GLY A 118 19.66 -0.68 -8.47
CA GLY A 118 20.35 -1.90 -8.86
C GLY A 118 19.45 -3.12 -8.73
N ASP A 119 18.53 -3.08 -7.74
CA ASP A 119 17.54 -4.12 -7.45
C ASP A 119 16.38 -4.20 -8.47
N ARG A 120 16.48 -3.43 -9.58
CA ARG A 120 15.49 -3.46 -10.67
C ARG A 120 15.60 -4.80 -11.42
N ASN A 121 16.80 -5.43 -11.35
CA ASN A 121 17.15 -6.72 -11.96
C ASN A 121 16.97 -7.93 -11.02
N VAL A 122 16.69 -7.70 -9.72
CA VAL A 122 16.49 -8.82 -8.77
C VAL A 122 15.11 -9.48 -8.93
N ILE A 123 15.05 -10.80 -8.68
CA ILE A 123 13.82 -11.59 -8.78
C ILE A 123 13.31 -11.83 -7.37
N TYR A 124 12.15 -11.28 -7.04
CA TYR A 124 11.55 -11.42 -5.72
C TYR A 124 10.63 -12.62 -5.73
N THR A 125 10.86 -13.55 -4.79
CA THR A 125 10.12 -14.81 -4.67
C THR A 125 9.40 -14.90 -3.34
N ASP A 126 9.57 -13.89 -2.48
CA ASP A 126 8.94 -13.88 -1.17
C ASP A 126 8.21 -12.53 -0.92
N CYS A 127 7.07 -12.36 -1.60
CA CYS A 127 6.25 -11.13 -1.57
C CYS A 127 4.92 -11.30 -0.88
N TRP A 128 4.57 -10.31 -0.06
CA TRP A 128 3.32 -10.36 0.72
C TRP A 128 2.51 -9.06 0.60
N VAL A 129 1.20 -9.19 0.46
CA VAL A 129 0.27 -8.06 0.43
C VAL A 129 -0.51 -8.08 1.76
N THR A 130 -0.58 -6.92 2.44
CA THR A 130 -1.20 -6.79 3.76
C THR A 130 -2.22 -5.70 3.79
N GLY A 131 -3.19 -5.84 4.70
CA GLY A 131 -4.22 -4.84 4.86
C GLY A 131 -5.41 -5.28 5.68
N TRP A 132 -6.27 -4.29 6.00
CA TRP A 132 -7.53 -4.49 6.72
C TRP A 132 -8.72 -4.57 5.75
N GLY A 133 -8.45 -4.69 4.46
CA GLY A 133 -9.50 -4.70 3.44
C GLY A 133 -10.40 -5.93 3.48
N TYR A 134 -11.42 -5.92 2.61
CA TYR A 134 -12.44 -6.96 2.47
C TYR A 134 -11.81 -8.30 2.11
N ARG A 135 -12.49 -9.39 2.45
CA ARG A 135 -12.06 -10.75 2.11
C ARG A 135 -12.75 -11.21 0.83
N LYS A 136 -13.67 -10.40 0.30
CA LYS A 136 -14.42 -10.61 -0.95
C LYS A 136 -15.04 -9.29 -1.37
N LEU A 137 -15.50 -9.20 -2.63
CA LEU A 137 -16.10 -7.98 -3.17
C LEU A 137 -17.16 -7.34 -2.28
N ARG A 138 -18.04 -8.14 -1.69
CA ARG A 138 -19.08 -7.60 -0.81
C ARG A 138 -18.78 -8.08 0.59
N ASP A 139 -18.10 -7.24 1.36
CA ASP A 139 -17.68 -7.60 2.72
C ASP A 139 -17.58 -6.33 3.54
N LYS A 140 -16.68 -6.31 4.51
CA LYS A 140 -16.48 -5.17 5.38
C LYS A 140 -15.01 -5.14 5.78
N ILE A 141 -14.54 -3.99 6.27
CA ILE A 141 -13.16 -3.81 6.75
C ILE A 141 -12.91 -4.84 7.86
N GLN A 142 -11.75 -5.50 7.83
CA GLN A 142 -11.42 -6.50 8.83
C GLN A 142 -10.78 -5.84 10.07
N ASN A 143 -11.05 -6.41 11.25
CA ASN A 143 -10.47 -5.91 12.50
C ASN A 143 -8.96 -6.17 12.52
N THR A 144 -8.54 -7.43 12.25
CA THR A 144 -7.13 -7.82 12.29
C THR A 144 -6.46 -7.66 10.95
N LEU A 145 -5.26 -7.03 10.94
CA LEU A 145 -4.44 -6.89 9.74
C LEU A 145 -4.22 -8.30 9.13
N GLN A 146 -4.58 -8.47 7.86
CA GLN A 146 -4.41 -9.76 7.16
C GLN A 146 -3.17 -9.72 6.28
N LYS A 147 -2.66 -10.90 5.92
CA LYS A 147 -1.50 -11.04 5.04
C LYS A 147 -1.73 -12.16 4.05
N ALA A 148 -1.13 -12.04 2.85
CA ALA A 148 -1.21 -13.10 1.84
C ALA A 148 0.06 -13.08 1.03
N LYS A 149 0.68 -14.26 0.82
CA LYS A 149 1.90 -14.38 0.00
C LYS A 149 1.43 -14.51 -1.44
N ILE A 150 1.98 -13.67 -2.31
CA ILE A 150 1.51 -13.66 -3.70
C ILE A 150 2.69 -13.67 -4.64
N PRO A 151 2.66 -14.42 -5.78
CA PRO A 151 3.81 -14.37 -6.67
C PRO A 151 3.76 -13.15 -7.59
N LEU A 152 4.92 -12.58 -7.87
CA LEU A 152 5.06 -11.49 -8.82
C LEU A 152 4.85 -12.09 -10.23
N VAL A 153 4.24 -11.31 -11.12
CA VAL A 153 3.91 -11.69 -12.51
C VAL A 153 4.67 -10.73 -13.44
N THR A 154 5.24 -11.23 -14.56
CA THR A 154 5.97 -10.35 -15.49
C THR A 154 4.97 -9.35 -16.10
N ASN A 155 5.48 -8.23 -16.59
CA ASN A 155 4.71 -7.19 -17.28
C ASN A 155 4.00 -7.77 -18.51
N GLU A 156 4.70 -8.66 -19.27
CA GLU A 156 4.15 -9.30 -20.48
C GLU A 156 2.92 -10.12 -20.14
N GLU A 157 3.03 -10.97 -19.11
CA GLU A 157 1.94 -11.80 -18.63
C GLU A 157 0.79 -10.95 -18.08
N CYS A 158 1.10 -9.89 -17.29
CA CYS A 158 0.07 -8.98 -16.78
C CYS A 158 -0.66 -8.26 -17.89
N GLN A 159 0.04 -7.84 -18.94
CA GLN A 159 -0.59 -7.19 -20.09
C GLN A 159 -1.59 -8.15 -20.80
N LYS A 160 -1.23 -9.44 -20.92
CA LYS A 160 -2.12 -10.45 -21.52
C LYS A 160 -3.41 -10.54 -20.71
N ARG A 161 -3.31 -10.37 -19.38
CA ARG A 161 -4.45 -10.46 -18.47
C ARG A 161 -5.35 -9.25 -18.48
N TYR A 162 -4.84 -8.12 -18.95
CA TYR A 162 -5.59 -6.87 -18.97
C TYR A 162 -5.70 -6.29 -20.36
N ARG A 163 -6.42 -7.00 -21.23
CA ARG A 163 -6.65 -6.50 -22.59
C ARG A 163 -7.52 -5.23 -22.51
N GLY A 164 -7.12 -4.21 -23.25
CA GLY A 164 -7.83 -2.94 -23.22
C GLY A 164 -7.19 -1.93 -22.29
N HIS A 165 -6.26 -2.39 -21.42
CA HIS A 165 -5.49 -1.50 -20.52
C HIS A 165 -4.07 -1.45 -21.05
N LYS A 166 -3.30 -0.47 -20.60
CA LYS A 166 -1.88 -0.38 -20.93
C LYS A 166 -1.12 -0.59 -19.60
N ILE A 167 -0.55 -1.79 -19.44
CA ILE A 167 0.26 -2.11 -18.26
C ILE A 167 1.69 -1.64 -18.54
N THR A 168 2.09 -0.55 -17.90
CA THR A 168 3.40 0.06 -18.09
C THR A 168 4.41 -0.54 -17.13
N HIS A 169 5.71 -0.26 -17.35
CA HIS A 169 6.78 -0.75 -16.48
C HIS A 169 6.83 0.00 -15.14
N LYS A 170 5.97 1.03 -14.99
CA LYS A 170 5.77 1.76 -13.73
C LYS A 170 4.70 1.06 -12.87
N MET A 171 4.18 -0.05 -13.39
CA MET A 171 3.23 -0.92 -12.68
C MET A 171 3.91 -2.27 -12.49
N ILE A 172 3.55 -2.96 -11.43
CA ILE A 172 4.06 -4.29 -11.19
C ILE A 172 2.86 -5.13 -10.76
N CYS A 173 2.72 -6.34 -11.33
CA CYS A 173 1.57 -7.17 -11.02
C CYS A 173 1.91 -8.36 -10.18
N ALA A 174 0.92 -8.85 -9.43
CA ALA A 174 1.08 -10.02 -8.56
C ALA A 174 -0.23 -10.77 -8.42
N GLY A 175 -0.15 -12.08 -8.53
CA GLY A 175 -1.30 -12.96 -8.40
C GLY A 175 -1.04 -14.35 -8.92
N TYR A 176 -1.85 -15.33 -8.46
CA TYR A 176 -1.83 -16.72 -8.90
C TYR A 176 -2.71 -16.80 -10.14
N ARG A 177 -2.31 -17.59 -11.14
CA ARG A 177 -3.10 -17.74 -12.36
C ARG A 177 -4.54 -18.16 -12.04
N GLU A 178 -4.73 -19.00 -11.01
CA GLU A 178 -6.04 -19.52 -10.62
C GLU A 178 -6.80 -18.57 -9.68
N GLY A 179 -6.19 -17.43 -9.31
CA GLY A 179 -6.78 -16.48 -8.38
C GLY A 179 -6.74 -17.00 -6.96
N GLY A 180 -7.56 -16.44 -6.08
CA GLY A 180 -7.68 -16.91 -4.70
C GLY A 180 -7.02 -16.06 -3.65
N LYS A 181 -5.90 -15.42 -3.97
CA LYS A 181 -5.20 -14.57 -3.00
C LYS A 181 -4.91 -13.23 -3.66
N ASP A 182 -5.31 -12.13 -3.01
CA ASP A 182 -5.13 -10.79 -3.59
C ASP A 182 -5.51 -9.73 -2.59
N ALA A 183 -5.28 -8.47 -2.98
CA ALA A 183 -5.80 -7.31 -2.27
C ALA A 183 -7.29 -7.18 -2.63
N CYS A 184 -8.04 -6.48 -1.80
CA CYS A 184 -9.45 -6.16 -2.05
CA CYS A 184 -9.45 -6.14 -2.06
C CYS A 184 -9.78 -4.77 -1.45
N LYS A 185 -11.03 -4.32 -1.55
CA LYS A 185 -11.48 -3.01 -1.04
C LYS A 185 -10.98 -2.69 0.36
N GLY A 186 -10.24 -1.59 0.49
CA GLY A 186 -9.70 -1.18 1.80
C GLY A 186 -8.23 -1.49 1.99
N ASP A 187 -7.66 -2.25 1.05
CA ASP A 187 -6.23 -2.60 1.10
C ASP A 187 -5.38 -1.57 0.34
N SER A 188 -6.00 -0.83 -0.60
CA SER A 188 -5.24 0.11 -1.42
C SER A 188 -4.37 1.12 -0.68
N GLY A 189 -3.22 1.39 -1.26
CA GLY A 189 -2.27 2.31 -0.64
C GLY A 189 -1.30 1.59 0.26
N GLY A 190 -1.64 0.35 0.62
CA GLY A 190 -0.81 -0.47 1.48
C GLY A 190 0.37 -1.04 0.72
N PRO A 191 1.29 -1.70 1.45
CA PRO A 191 2.48 -2.24 0.82
C PRO A 191 2.32 -3.61 0.15
N LEU A 192 3.20 -3.86 -0.82
CA LEU A 192 3.49 -5.19 -1.37
C LEU A 192 4.96 -5.31 -0.93
N SER A 193 5.20 -6.06 0.15
CA SER A 193 6.54 -6.16 0.78
C SER A 193 7.23 -7.45 0.37
N CYS A 194 8.46 -7.34 -0.14
CA CYS A 194 9.22 -8.51 -0.60
C CYS A 194 10.52 -8.63 0.20
N LYS A 195 10.83 -9.84 0.71
CA LYS A 195 12.05 -10.10 1.49
C LYS A 195 13.15 -10.59 0.56
N HIS A 196 14.30 -9.94 0.62
CA HIS A 196 15.44 -10.31 -0.20
C HIS A 196 16.71 -10.05 0.59
N ASN A 197 17.57 -11.10 0.74
CA ASN A 197 18.83 -11.07 1.50
C ASN A 197 18.56 -10.61 2.93
N GLU A 198 17.54 -11.22 3.53
CA GLU A 198 17.06 -10.98 4.91
C GLU A 198 16.48 -9.57 5.18
N VAL A 199 16.31 -8.74 4.14
CA VAL A 199 15.79 -7.36 4.22
C VAL A 199 14.47 -7.22 3.43
N TRP A 200 13.47 -6.56 4.03
CA TRP A 200 12.19 -6.32 3.39
C TRP A 200 12.28 -5.05 2.57
N HIS A 201 11.69 -5.07 1.38
CA HIS A 201 11.69 -3.90 0.51
C HIS A 201 10.30 -3.60 0.07
N LEU A 202 9.97 -2.31 -0.03
CA LEU A 202 8.68 -1.86 -0.50
C LEU A 202 8.69 -1.95 -2.01
N VAL A 203 8.22 -3.05 -2.54
CA VAL A 203 8.22 -3.31 -3.98
C VAL A 203 7.04 -2.68 -4.70
N GLY A 204 5.87 -2.74 -4.06
CA GLY A 204 4.66 -2.20 -4.66
C GLY A 204 3.75 -1.45 -3.71
N ILE A 205 2.83 -0.67 -4.28
CA ILE A 205 1.76 0.02 -3.56
C ILE A 205 0.45 -0.53 -4.15
N THR A 206 -0.40 -1.17 -3.33
CA THR A 206 -1.70 -1.72 -3.77
C THR A 206 -2.50 -0.65 -4.51
N SER A 207 -2.80 -0.91 -5.78
CA SER A 207 -3.41 0.10 -6.63
C SER A 207 -4.76 -0.28 -7.21
N TRP A 208 -4.78 -1.23 -8.14
CA TRP A 208 -6.06 -1.61 -8.77
C TRP A 208 -6.07 -3.07 -9.28
N GLY A 209 -7.26 -3.55 -9.62
CA GLY A 209 -7.47 -4.89 -10.20
C GLY A 209 -8.89 -4.99 -10.71
N GLU A 210 -9.17 -5.97 -11.60
CA GLU A 210 -10.55 -6.19 -12.06
C GLU A 210 -11.13 -7.23 -11.07
N GLY A 211 -11.96 -6.75 -10.14
CA GLY A 211 -12.53 -7.54 -9.05
C GLY A 211 -11.42 -7.88 -8.04
N CYS A 212 -11.62 -8.93 -7.21
CA CYS A 212 -10.61 -9.34 -6.22
CA CYS A 212 -10.53 -9.30 -6.32
C CYS A 212 -10.29 -10.80 -6.32
N ALA A 213 -8.99 -11.16 -6.42
CA ALA A 213 -8.50 -12.53 -6.45
C ALA A 213 -9.13 -13.38 -7.54
N GLN A 214 -9.53 -12.75 -8.66
CA GLN A 214 -10.13 -13.53 -9.74
C GLN A 214 -9.05 -14.26 -10.52
N ARG A 215 -9.41 -15.40 -11.05
CA ARG A 215 -8.55 -16.20 -11.92
C ARG A 215 -8.06 -15.28 -13.07
N GLU A 216 -6.77 -15.35 -13.39
CA GLU A 216 -6.17 -14.59 -14.49
C GLU A 216 -6.36 -13.07 -14.46
N ARG A 217 -6.48 -12.50 -13.24
CA ARG A 217 -6.60 -11.05 -13.02
C ARG A 217 -5.66 -10.68 -11.89
N PRO A 218 -4.34 -10.56 -12.17
CA PRO A 218 -3.41 -10.20 -11.08
C PRO A 218 -3.72 -8.81 -10.54
N GLY A 219 -3.41 -8.57 -9.28
CA GLY A 219 -3.52 -7.27 -8.65
C GLY A 219 -2.45 -6.39 -9.29
N VAL A 220 -2.76 -5.12 -9.53
CA VAL A 220 -1.82 -4.16 -10.15
C VAL A 220 -1.36 -3.20 -9.08
N TYR A 221 -0.02 -3.07 -8.96
CA TYR A 221 0.65 -2.28 -7.96
C TYR A 221 1.51 -1.20 -8.57
N THR A 222 1.68 -0.07 -7.88
CA THR A 222 2.64 0.95 -8.30
C THR A 222 4.03 0.30 -8.12
N ASN A 223 4.85 0.32 -9.19
CA ASN A 223 6.19 -0.29 -9.14
C ASN A 223 7.14 0.72 -8.48
N VAL A 224 7.30 0.59 -7.15
CA VAL A 224 8.05 1.55 -6.32
C VAL A 224 9.46 1.89 -6.82
N VAL A 225 10.20 0.89 -7.31
CA VAL A 225 11.58 1.11 -7.82
C VAL A 225 11.61 2.23 -8.88
N GLU A 226 10.55 2.35 -9.69
CA GLU A 226 10.46 3.37 -10.75
C GLU A 226 10.16 4.76 -10.23
N TYR A 227 9.92 4.91 -8.91
CA TYR A 227 9.61 6.18 -8.28
C TYR A 227 10.57 6.58 -7.19
N VAL A 228 11.69 5.87 -7.01
CA VAL A 228 12.68 6.19 -5.97
C VAL A 228 13.18 7.64 -6.14
N ASP A 229 13.49 8.08 -7.39
CA ASP A 229 13.95 9.47 -7.57
C ASP A 229 12.86 10.47 -7.23
N TRP A 230 11.60 10.17 -7.57
CA TRP A 230 10.48 11.06 -7.22
C TRP A 230 10.34 11.14 -5.71
N ILE A 231 10.43 9.99 -4.99
CA ILE A 231 10.27 9.97 -3.51
C ILE A 231 11.39 10.82 -2.89
N LEU A 232 12.64 10.61 -3.35
CA LEU A 232 13.80 11.36 -2.84
C LEU A 232 13.66 12.84 -3.15
N GLU A 233 13.15 13.19 -4.35
CA GLU A 233 12.87 14.58 -4.70
C GLU A 233 12.01 15.27 -3.65
N LYS A 234 10.92 14.61 -3.28
CA LYS A 234 9.94 15.18 -2.34
C LYS A 234 10.37 15.11 -0.88
N THR A 235 11.03 14.01 -0.45
CA THR A 235 11.46 13.82 0.94
C THR A 235 12.81 14.50 1.28
N GLN A 236 13.71 14.65 0.28
CA GLN A 236 15.05 15.21 0.46
C GLN A 236 15.17 16.65 -0.05
N ALA A 237 14.04 17.34 -0.26
CA ALA A 237 13.98 18.72 -0.72
C ALA A 237 14.82 19.63 0.21
N VAL A 238 15.75 20.42 -0.38
CA VAL A 238 16.64 21.30 0.38
C VAL A 238 15.96 22.52 1.02
C17 3Y4 B . -8.22 -2.03 -5.19
C16 3Y4 B . -7.65 -3.32 -5.73
C20 3Y4 B . -8.50 -2.17 -3.67
C23 3Y4 B . -8.98 -0.98 -2.88
C12 3Y4 B . -10.69 -4.30 -7.17
C27 3Y4 B . -10.10 1.16 -2.87
C33 3Y4 B . -9.77 4.20 -2.10
CL1 3Y4 B . -3.96 -4.79 -6.22
C2 3Y4 B . -5.69 -4.65 -6.19
C3 3Y4 B . -6.47 -5.73 -6.57
C5 3Y4 B . -7.85 -5.61 -6.52
C7 3Y4 B . -8.45 -4.42 -6.11
N8 3Y4 B . -9.87 -4.32 -6.09
N9 3Y4 B . -10.65 -4.18 -4.99
N10 3Y4 B . -11.88 -4.08 -5.43
N11 3Y4 B . -11.93 -4.15 -6.78
C14 3Y4 B . -6.26 -3.46 -5.78
O24 3Y4 B . -8.74 -0.88 -1.68
N25 3Y4 B . -9.67 -0.05 -3.56
C29 3Y4 B . -10.25 2.38 -3.80
C32 3Y4 B . -10.64 3.63 -3.04
C35 3Y4 B . -10.21 5.18 -1.24
C37 3Y4 B . -11.50 5.65 -1.30
C39 3Y4 B . -12.37 5.15 -2.26
C41 3Y4 B . -11.93 4.15 -3.13
C43 3Y4 B . -11.32 0.96 -2.03
N44 3Y4 B . -11.34 1.15 -0.67
C46 3Y4 B . -12.62 0.95 -0.22
C47 3Y4 B . -13.38 0.64 -1.36
CL2 3Y4 B . -15.06 0.27 -1.51
N49 3Y4 B . -12.58 0.64 -2.46
C50 3Y4 B . -12.94 1.12 1.20
C51 3Y4 B . -14.03 0.46 1.78
C53 3Y4 B . -14.38 0.69 3.10
C55 3Y4 B . -13.61 1.56 3.89
C56 3Y4 B . -12.52 2.20 3.32
C58 3Y4 B . -12.20 1.99 2.00
N60 3Y4 B . -13.90 1.87 5.24
C62 3Y4 B . -14.87 1.34 6.03
O63 3Y4 B . -15.75 0.56 5.68
O64 3Y4 B . -14.72 1.80 7.28
C65 3Y4 B . -15.79 1.49 8.21
S SO4 C . 1.31 -5.25 12.73
O1 SO4 C . 0.92 -6.55 12.11
O2 SO4 C . 0.64 -4.11 12.16
O3 SO4 C . 2.80 -5.06 12.51
O4 SO4 C . 0.97 -5.33 14.20
S SO4 D . -2.23 -17.87 -22.18
O1 SO4 D . -2.20 -18.07 -23.62
O2 SO4 D . -3.17 -16.82 -21.87
O3 SO4 D . -0.89 -17.49 -21.71
O4 SO4 D . -2.62 -19.10 -21.51
C1 EDO E . -12.20 -0.36 -6.84
O1 EDO E . -10.94 -0.08 -6.20
C2 EDO E . -13.20 -0.85 -5.82
O2 EDO E . -13.60 0.22 -4.95
C1 EDO F . 13.92 7.60 15.19
O1 EDO F . 13.05 7.01 16.16
C2 EDO F . 13.07 8.21 14.08
O2 EDO F . 12.24 9.27 14.58
C1 EDO G . -13.62 -3.28 13.29
O1 EDO G . -12.62 -3.37 14.33
C2 EDO G . -13.04 -2.91 11.93
O2 EDO G . -13.47 -1.60 11.52
C1 EDO H . -0.51 -9.25 20.65
O1 EDO H . 0.37 -10.29 21.12
C2 EDO H . -1.84 -9.79 20.11
O2 EDO H . -2.80 -8.74 20.14
C1 EDO I . -14.04 -3.68 -10.29
O1 EDO I . -12.69 -4.08 -10.07
C2 EDO I . -14.87 -4.09 -9.07
O2 EDO I . -14.34 -3.46 -7.90
C1 EDO J . -10.55 -1.08 -11.68
O1 EDO J . -11.34 -1.52 -10.57
C2 EDO J . -10.77 -2.05 -12.81
O2 EDO J . -12.14 -1.88 -13.22
C1 EDO K . 5.63 1.19 -20.95
O1 EDO K . 6.45 0.04 -20.66
C2 EDO K . 6.40 2.46 -20.59
O2 EDO K . 6.70 2.47 -19.19
C1 EDO L . -9.29 3.90 -11.35
O1 EDO L . -8.47 4.09 -12.52
C2 EDO L . -9.67 5.23 -10.70
O2 EDO L . -8.60 5.78 -9.90
C1 EDO M . 13.05 -4.65 7.30
O1 EDO M . 14.00 -5.51 6.65
C2 EDO M . 13.22 -3.19 6.84
O2 EDO M . 12.91 -3.00 5.45
#